data_6Z54
#
_entry.id   6Z54
#
_cell.length_a   88.760
_cell.length_b   62.260
_cell.length_c   75.700
_cell.angle_alpha   90.000
_cell.angle_beta   97.610
_cell.angle_gamma   90.000
#
_symmetry.space_group_name_H-M   'C 1 2 1'
#
loop_
_entity.id
_entity.type
_entity.pdbx_description
1 polymer 'Dual specificity protein kinase CLK3'
2 non-polymer 1,2-ETHANEDIOL
3 non-polymer 'PHOSPHATE ION'
4 non-polymer 11,15-Dimethyl-6-(oxan-4-yloxy)-8-oxa-2,11,15,19,21,23-hexazatetracyclo[15.6.1.13,7.020,24]pentacosa-1(23),3(25),4,6,17,20(24),21-heptaen-10-one
5 water water
#
_entity_poly.entity_id   1
_entity_poly.type   'polypeptide(L)'
_entity_poly.pdbx_seq_one_letter_code
;SMQSSKRSSRSVEDDKEGHLVCRIGDWLQERYEIVGNLGEGTFGKVVECLDHARGKSQVALKIIRNVGKYREAARLEINV
LKKIKEKDKENKFLCVLMSDWFNFHGHMCIAFELLGKNTFEFLKENNFQPYPLPHVRHMAYQLCHALRFLHENQLTHTDL
KPENILFVNSEFETLYNEHKSCEEKSVKNTSIRVADFGSATFDHEHHTTIVATRHYRPPEVILELGWAQPCDVWSIGCIL
FEYYRGFTLFQTHENREHLVMMEKILGPIPSHMIHRTRKQKYFYKGGLVWDENSSDGRYVKENCKPLKSYMLQDSLEHVQ
LFDLMRRMLEFDPAQRITLAEALLHPFFAGLTPEERSFHT
;
_entity_poly.pdbx_strand_id   A
#
loop_
_chem_comp.id
_chem_comp.type
_chem_comp.name
_chem_comp.formula
EDO non-polymer 1,2-ETHANEDIOL 'C2 H6 O2'
PO4 non-polymer 'PHOSPHATE ION' 'O4 P -3'
Q7H non-polymer 11,15-Dimethyl-6-(oxan-4-yloxy)-8-oxa-2,11,15,19,21,23-hexazatetracyclo[15.6.1.13,7.020,24]pentacosa-1(23),3(25),4,6,17,20(24),21-heptaen-10-one 'C25 H30 N6 O4'
#
# COMPACT_ATOMS: atom_id res chain seq x y z
N ARG A 10 -3.86 38.30 -6.95
CA ARG A 10 -4.03 37.20 -7.94
C ARG A 10 -5.27 36.33 -7.59
N SER A 11 -6.02 36.03 -8.63
CA SER A 11 -7.21 35.19 -8.53
CA SER A 11 -7.21 35.19 -8.57
C SER A 11 -6.82 33.74 -8.22
N VAL A 12 -7.75 32.99 -7.64
CA VAL A 12 -7.52 31.57 -7.42
C VAL A 12 -8.05 30.85 -8.68
N GLU A 13 -7.22 30.02 -9.32
CA GLU A 13 -7.59 29.44 -10.60
C GLU A 13 -7.52 27.95 -10.46
N ASP A 14 -8.50 27.29 -11.06
CA ASP A 14 -8.60 25.85 -11.18
C ASP A 14 -8.53 25.43 -12.65
N ASP A 15 -7.87 24.30 -12.95
CA ASP A 15 -7.88 23.78 -14.34
C ASP A 15 -9.18 23.05 -14.64
N LYS A 16 -9.25 22.48 -15.84
CA LYS A 16 -10.48 21.93 -16.33
C LYS A 16 -10.92 20.68 -15.55
N GLU A 17 -10.00 20.07 -14.80
CA GLU A 17 -10.33 18.91 -13.96
C GLU A 17 -10.58 19.32 -12.50
N GLY A 18 -10.56 20.62 -12.20
CA GLY A 18 -10.74 21.08 -10.85
C GLY A 18 -9.47 21.07 -9.99
N HIS A 19 -8.31 20.86 -10.59
CA HIS A 19 -7.07 20.99 -9.84
C HIS A 19 -6.75 22.45 -9.58
N LEU A 20 -6.22 22.76 -8.39
CA LEU A 20 -5.75 24.14 -8.11
C LEU A 20 -4.50 24.39 -8.95
N VAL A 21 -4.47 25.54 -9.61
CA VAL A 21 -3.26 26.02 -10.30
C VAL A 21 -2.36 26.57 -9.22
N CYS A 22 -1.21 25.91 -9.01
CA CYS A 22 -0.25 26.24 -7.93
C CYS A 22 1.02 26.86 -8.44
N ARG A 23 1.46 27.90 -7.76
CA ARG A 23 2.57 28.70 -8.17
C ARG A 23 3.57 28.70 -7.01
N ILE A 24 4.83 28.39 -7.32
CA ILE A 24 5.94 28.52 -6.40
C ILE A 24 5.99 29.95 -5.92
N GLY A 25 5.93 30.14 -4.60
CA GLY A 25 5.95 31.49 -4.05
C GLY A 25 4.62 31.89 -3.47
N ASP A 26 3.55 31.23 -3.88
CA ASP A 26 2.25 31.52 -3.30
C ASP A 26 2.10 31.00 -1.89
N TRP A 27 1.32 31.72 -1.09
CA TRP A 27 1.00 31.33 0.29
C TRP A 27 -0.46 30.89 0.41
N LEU A 28 -0.72 29.95 1.31
CA LEU A 28 -2.06 29.52 1.63
C LEU A 28 -2.24 29.71 3.14
N GLN A 29 -3.48 30.09 3.56
CA GLN A 29 -3.84 30.34 4.99
C GLN A 29 -2.90 31.37 5.68
N GLU A 30 -2.32 32.23 4.84
N GLU A 30 -2.27 32.24 4.90
CA GLU A 30 -1.29 33.20 5.19
CA GLU A 30 -1.32 33.25 5.40
C GLU A 30 -0.18 32.56 6.03
C GLU A 30 0.00 32.64 5.93
N ARG A 31 0.29 31.40 5.53
CA ARG A 31 1.14 30.51 6.32
CA ARG A 31 1.18 30.56 6.32
C ARG A 31 2.03 29.56 5.49
N TYR A 32 1.43 28.79 4.60
CA TYR A 32 2.19 27.82 3.83
C TYR A 32 2.74 28.37 2.52
N GLU A 33 4.05 28.45 2.41
CA GLU A 33 4.69 28.91 1.18
C GLU A 33 5.05 27.72 0.30
N ILE A 34 4.48 27.68 -0.90
CA ILE A 34 4.79 26.62 -1.84
C ILE A 34 6.21 26.73 -2.38
N VAL A 35 6.99 25.66 -2.26
CA VAL A 35 8.38 25.64 -2.70
C VAL A 35 8.69 24.56 -3.72
N GLY A 36 7.75 23.63 -3.94
CA GLY A 36 7.98 22.55 -4.89
C GLY A 36 6.72 21.74 -5.20
N ASN A 37 6.67 21.14 -6.38
CA ASN A 37 5.53 20.32 -6.78
C ASN A 37 6.01 18.85 -6.66
N LEU A 38 5.36 18.02 -5.84
CA LEU A 38 5.81 16.66 -5.62
C LEU A 38 5.15 15.65 -6.56
N GLY A 39 3.96 15.96 -7.02
CA GLY A 39 3.24 15.06 -7.93
C GLY A 39 1.78 15.33 -8.04
N GLU A 40 1.18 14.75 -9.08
CA GLU A 40 -0.24 14.90 -9.32
C GLU A 40 -0.88 13.51 -9.45
N GLY A 41 -2.08 13.38 -8.90
CA GLY A 41 -2.86 12.15 -9.05
C GLY A 41 -4.28 12.45 -9.40
N THR A 42 -5.11 11.40 -9.43
CA THR A 42 -6.52 11.62 -9.76
C THR A 42 -7.30 12.45 -8.72
N PHE A 43 -6.81 12.52 -7.48
CA PHE A 43 -7.44 13.25 -6.37
C PHE A 43 -7.12 14.73 -6.36
N GLY A 44 -6.04 15.11 -7.01
CA GLY A 44 -5.42 16.42 -6.74
C GLY A 44 -3.93 16.35 -6.84
N LYS A 45 -3.22 17.20 -6.07
CA LYS A 45 -1.78 17.21 -6.18
CA LYS A 45 -1.79 17.35 -6.17
C LYS A 45 -1.15 17.25 -4.79
N VAL A 46 0.13 16.98 -4.77
CA VAL A 46 0.94 17.06 -3.55
C VAL A 46 2.03 18.11 -3.83
N VAL A 47 2.14 19.08 -2.94
CA VAL A 47 3.12 20.14 -3.07
C VAL A 47 3.93 20.26 -1.79
N GLU A 48 5.19 20.62 -1.95
CA GLU A 48 6.10 20.80 -0.82
C GLU A 48 5.98 22.25 -0.40
N CYS A 49 5.79 22.49 0.90
CA CYS A 49 5.69 23.85 1.42
C CYS A 49 6.64 24.07 2.59
N LEU A 50 6.84 25.34 2.92
CA LEU A 50 7.44 25.71 4.19
C LEU A 50 6.33 26.33 5.01
N ASP A 51 6.21 25.93 6.26
CA ASP A 51 5.21 26.44 7.21
C ASP A 51 5.75 27.59 8.07
N HIS A 52 5.40 28.79 7.64
CA HIS A 52 5.92 29.98 8.27
C HIS A 52 5.37 30.27 9.64
N ALA A 53 4.32 29.56 10.10
CA ALA A 53 3.82 29.71 11.48
C ALA A 53 4.49 28.69 12.45
N ARG A 54 5.33 27.78 11.92
CA ARG A 54 6.07 26.81 12.73
C ARG A 54 7.55 26.75 12.34
N GLY A 55 8.16 27.91 12.24
CA GLY A 55 9.59 28.04 11.98
C GLY A 55 10.09 27.56 10.62
N LYS A 56 9.27 27.70 9.59
CA LYS A 56 9.60 27.25 8.23
C LYS A 56 9.91 25.76 8.15
N SER A 57 9.14 25.01 8.91
CA SER A 57 9.12 23.55 8.87
CA SER A 57 9.19 23.56 8.85
C SER A 57 8.69 23.06 7.49
N GLN A 58 9.15 21.87 7.13
CA GLN A 58 8.89 21.30 5.82
C GLN A 58 7.59 20.57 5.92
N VAL A 59 6.72 20.82 4.96
CA VAL A 59 5.37 20.20 4.88
C VAL A 59 5.14 19.63 3.48
N ALA A 60 4.43 18.50 3.42
CA ALA A 60 3.78 18.06 2.17
C ALA A 60 2.32 18.37 2.31
N LEU A 61 1.78 19.16 1.40
CA LEU A 61 0.39 19.52 1.42
C LEU A 61 -0.33 18.73 0.33
N LYS A 62 -1.34 17.97 0.71
CA LYS A 62 -2.21 17.31 -0.24
C LYS A 62 -3.33 18.28 -0.57
N ILE A 63 -3.41 18.66 -1.83
CA ILE A 63 -4.37 19.66 -2.27
C ILE A 63 -5.38 18.96 -3.20
N ILE A 64 -6.58 18.80 -2.68
CA ILE A 64 -7.65 18.05 -3.32
C ILE A 64 -8.42 18.88 -4.37
N ARG A 65 -8.75 18.25 -5.49
CA ARG A 65 -9.57 18.84 -6.55
C ARG A 65 -10.86 19.45 -6.01
N ASN A 66 -11.29 20.53 -6.66
CA ASN A 66 -12.47 21.28 -6.27
C ASN A 66 -13.64 20.61 -6.97
N VAL A 67 -13.94 19.42 -6.50
CA VAL A 67 -14.93 18.52 -7.08
C VAL A 67 -15.65 17.88 -5.89
N GLY A 68 -16.97 18.02 -5.84
CA GLY A 68 -17.77 17.63 -4.67
C GLY A 68 -17.40 16.27 -4.13
N LYS A 69 -17.30 15.25 -5.00
CA LYS A 69 -17.03 13.89 -4.45
C LYS A 69 -15.66 13.76 -3.83
N TYR A 70 -14.66 14.42 -4.44
CA TYR A 70 -13.34 14.44 -3.85
C TYR A 70 -13.30 15.26 -2.54
N ARG A 71 -14.07 16.35 -2.48
CA ARG A 71 -14.12 17.18 -1.27
C ARG A 71 -14.71 16.35 -0.11
N GLU A 72 -15.77 15.61 -0.42
CA GLU A 72 -16.49 14.79 0.56
C GLU A 72 -15.54 13.68 1.06
N ALA A 73 -14.81 13.07 0.14
CA ALA A 73 -13.83 12.03 0.48
C ALA A 73 -12.68 12.53 1.33
N ALA A 74 -12.18 13.73 1.02
CA ALA A 74 -11.16 14.34 1.85
C ALA A 74 -11.63 14.66 3.30
N ARG A 75 -12.86 15.14 3.44
CA ARG A 75 -13.46 15.39 4.75
C ARG A 75 -13.54 14.10 5.54
N LEU A 76 -13.88 13.01 4.87
CA LEU A 76 -13.86 11.68 5.53
C LEU A 76 -12.42 11.31 5.98
N GLU A 77 -11.42 11.57 5.13
CA GLU A 77 -10.02 11.27 5.46
C GLU A 77 -9.54 12.09 6.70
N ILE A 78 -9.96 13.36 6.75
CA ILE A 78 -9.59 14.25 7.85
C ILE A 78 -10.19 13.69 9.16
N ASN A 79 -11.43 13.22 9.10
CA ASN A 79 -12.08 12.68 10.33
C ASN A 79 -11.43 11.39 10.78
N VAL A 80 -11.03 10.53 9.83
CA VAL A 80 -10.30 9.29 10.19
C VAL A 80 -8.98 9.64 10.80
N LEU A 81 -8.31 10.64 10.24
CA LEU A 81 -6.99 11.04 10.68
C LEU A 81 -7.08 11.63 12.13
N LYS A 82 -8.16 12.33 12.42
CA LYS A 82 -8.35 12.85 13.80
C LYS A 82 -8.42 11.70 14.84
N LYS A 83 -9.22 10.67 14.51
CA LYS A 83 -9.38 9.48 15.38
C LYS A 83 -8.06 8.76 15.56
N ILE A 84 -7.32 8.54 14.47
CA ILE A 84 -6.03 7.85 14.61
C ILE A 84 -5.08 8.59 15.53
N LYS A 85 -5.00 9.91 15.39
CA LYS A 85 -4.13 10.69 16.27
C LYS A 85 -4.54 10.51 17.76
N GLU A 86 -5.84 10.49 18.05
CA GLU A 86 -6.30 10.31 19.46
C GLU A 86 -5.74 9.03 20.08
N LYS A 87 -5.67 7.98 19.26
CA LYS A 87 -5.18 6.68 19.71
C LYS A 87 -3.65 6.57 19.74
N ASP A 88 -2.96 7.44 19.04
CA ASP A 88 -1.50 7.39 18.97
C ASP A 88 -0.95 8.78 19.16
N LYS A 89 -1.15 9.36 20.34
CA LYS A 89 -0.80 10.76 20.57
C LYS A 89 0.70 11.00 20.45
N GLU A 90 1.50 9.98 20.77
CA GLU A 90 2.96 10.04 20.69
C GLU A 90 3.52 9.71 19.29
N ASN A 91 2.63 9.44 18.33
CA ASN A 91 3.06 9.20 16.97
C ASN A 91 4.19 8.16 16.92
N LYS A 92 3.93 6.98 17.51
CA LYS A 92 4.86 5.86 17.63
C LYS A 92 4.65 4.69 16.63
N PHE A 93 3.51 4.69 15.94
CA PHE A 93 3.11 3.54 15.15
C PHE A 93 3.19 3.72 13.62
N LEU A 94 4.10 4.58 13.20
CA LEU A 94 4.56 4.65 11.82
C LEU A 94 3.47 5.07 10.80
N CYS A 95 2.45 5.76 11.30
CA CYS A 95 1.41 6.31 10.42
C CYS A 95 1.74 7.76 10.08
N VAL A 96 1.37 8.16 8.89
CA VAL A 96 1.46 9.59 8.48
C VAL A 96 0.21 10.36 8.99
N LEU A 97 0.35 11.07 10.08
CA LEU A 97 -0.81 11.82 10.66
C LEU A 97 -0.78 13.31 10.23
N MET A 98 -1.95 13.97 10.22
CA MET A 98 -2.00 15.32 9.74
C MET A 98 -1.57 16.32 10.82
N SER A 99 -0.92 17.38 10.39
CA SER A 99 -0.58 18.51 11.27
C SER A 99 -1.57 19.67 11.13
N ASP A 100 -2.31 19.69 10.04
CA ASP A 100 -3.36 20.68 9.82
C ASP A 100 -4.18 20.25 8.60
N TRP A 101 -5.35 20.88 8.49
CA TRP A 101 -6.22 20.80 7.33
C TRP A 101 -7.00 22.10 7.16
N PHE A 102 -7.38 22.40 5.92
CA PHE A 102 -8.22 23.54 5.66
C PHE A 102 -8.88 23.44 4.29
N ASN A 103 -9.97 24.18 4.14
CA ASN A 103 -10.72 24.25 2.86
C ASN A 103 -10.26 25.57 2.23
N PHE A 104 -9.55 25.46 1.12
CA PHE A 104 -9.02 26.59 0.42
C PHE A 104 -9.88 26.79 -0.85
N HIS A 105 -10.88 27.64 -0.75
CA HIS A 105 -11.78 27.92 -1.92
C HIS A 105 -12.31 26.71 -2.58
N GLY A 106 -12.71 25.74 -1.77
CA GLY A 106 -13.26 24.52 -2.28
C GLY A 106 -12.31 23.35 -2.38
N HIS A 107 -10.99 23.63 -2.35
CA HIS A 107 -9.95 22.62 -2.34
C HIS A 107 -9.63 22.23 -0.90
N MET A 108 -9.95 21.04 -0.53
CA MET A 108 -9.49 20.52 0.81
C MET A 108 -7.98 20.36 0.76
N CYS A 109 -7.31 20.83 1.78
CA CYS A 109 -5.89 20.73 1.86
C CYS A 109 -5.57 20.05 3.18
N ILE A 110 -4.66 19.11 3.12
CA ILE A 110 -4.19 18.36 4.35
C ILE A 110 -2.69 18.43 4.41
N ALA A 111 -2.17 18.94 5.54
CA ALA A 111 -0.80 19.08 5.74
C ALA A 111 -0.19 17.88 6.48
N PHE A 112 0.88 17.36 5.91
CA PHE A 112 1.69 16.25 6.48
C PHE A 112 3.16 16.56 6.62
N GLU A 113 3.87 15.77 7.46
CA GLU A 113 5.29 15.73 7.45
C GLU A 113 5.80 15.40 6.04
N LEU A 114 6.91 16.02 5.67
CA LEU A 114 7.53 15.77 4.35
C LEU A 114 8.32 14.48 4.43
N LEU A 115 8.06 13.58 3.48
CA LEU A 115 8.70 12.28 3.43
C LEU A 115 9.43 12.16 2.10
N GLY A 116 10.10 11.02 1.89
CA GLY A 116 10.71 10.75 0.61
C GLY A 116 9.77 10.09 -0.37
N LYS A 117 10.34 9.45 -1.37
CA LYS A 117 9.57 8.72 -2.38
C LYS A 117 8.74 7.57 -1.78
N ASN A 118 7.59 7.32 -2.39
CA ASN A 118 6.82 6.17 -2.02
C ASN A 118 7.53 4.93 -2.53
N THR A 119 7.17 3.78 -1.99
CA THR A 119 7.91 2.59 -2.30
C THR A 119 7.66 2.09 -3.74
N PHE A 120 6.57 2.52 -4.37
CA PHE A 120 6.37 2.19 -5.78
C PHE A 120 7.29 3.08 -6.64
N GLU A 121 7.26 4.37 -6.39
CA GLU A 121 8.05 5.34 -7.16
C GLU A 121 9.53 4.96 -7.05
N PHE A 122 10.00 4.57 -5.87
CA PHE A 122 11.38 4.17 -5.73
C PHE A 122 11.70 2.93 -6.60
N LEU A 123 10.82 1.94 -6.54
CA LEU A 123 11.00 0.72 -7.29
C LEU A 123 11.03 1.08 -8.81
N LYS A 124 10.10 1.91 -9.25
CA LYS A 124 10.03 2.30 -10.66
C LYS A 124 11.32 3.04 -11.09
N GLU A 125 11.79 3.94 -10.23
CA GLU A 125 13.06 4.69 -10.53
C GLU A 125 14.33 3.79 -10.50
N ASN A 126 14.20 2.59 -9.95
CA ASN A 126 15.23 1.59 -10.00
C ASN A 126 14.97 0.58 -11.14
N ASN A 127 14.15 0.95 -12.11
CA ASN A 127 13.84 0.11 -13.24
C ASN A 127 13.27 -1.24 -12.83
N PHE A 128 12.50 -1.20 -11.77
CA PHE A 128 11.77 -2.35 -11.26
C PHE A 128 12.69 -3.44 -10.78
N GLN A 129 13.97 -3.12 -10.54
CA GLN A 129 14.84 -4.09 -9.88
C GLN A 129 14.39 -4.17 -8.41
N PRO A 130 14.25 -5.38 -7.87
CA PRO A 130 13.63 -5.52 -6.54
C PRO A 130 14.50 -5.04 -5.38
N TYR A 131 13.84 -4.89 -4.25
CA TYR A 131 14.55 -4.60 -3.03
C TYR A 131 15.26 -5.88 -2.57
N PRO A 132 16.47 -5.74 -2.00
CA PRO A 132 17.16 -6.89 -1.41
C PRO A 132 16.36 -7.43 -0.22
N LEU A 133 16.52 -8.71 0.09
CA LEU A 133 15.78 -9.37 1.16
CA LEU A 133 15.75 -9.34 1.15
C LEU A 133 15.85 -8.65 2.52
N PRO A 134 17.03 -8.14 2.90
CA PRO A 134 17.10 -7.46 4.21
C PRO A 134 16.22 -6.20 4.27
N HIS A 135 16.10 -5.54 3.12
CA HIS A 135 15.21 -4.41 2.98
C HIS A 135 13.77 -4.83 3.04
N VAL A 136 13.42 -5.88 2.30
CA VAL A 136 12.10 -6.45 2.36
C VAL A 136 11.73 -6.82 3.79
N ARG A 137 12.65 -7.47 4.50
CA ARG A 137 12.34 -7.88 5.86
C ARG A 137 12.03 -6.71 6.82
N HIS A 138 12.81 -5.68 6.73
CA HIS A 138 12.61 -4.51 7.57
C HIS A 138 11.34 -3.81 7.20
N MET A 139 11.08 -3.67 5.91
CA MET A 139 9.84 -3.03 5.49
C MET A 139 8.64 -3.85 5.92
N ALA A 140 8.73 -5.18 5.82
CA ALA A 140 7.66 -6.07 6.27
C ALA A 140 7.39 -5.88 7.77
N TYR A 141 8.46 -5.76 8.54
CA TYR A 141 8.33 -5.68 9.99
C TYR A 141 7.58 -4.40 10.37
N GLN A 142 7.94 -3.29 9.72
CA GLN A 142 7.31 -2.02 9.99
C GLN A 142 5.81 -2.04 9.60
N LEU A 143 5.50 -2.64 8.46
CA LEU A 143 4.14 -2.75 8.00
C LEU A 143 3.30 -3.54 8.96
N CYS A 144 3.83 -4.67 9.42
CA CYS A 144 3.09 -5.52 10.35
C CYS A 144 2.86 -4.74 11.64
N HIS A 145 3.90 -4.05 12.12
CA HIS A 145 3.78 -3.21 13.31
C HIS A 145 2.71 -2.14 13.20
N ALA A 146 2.80 -1.31 12.15
CA ALA A 146 1.88 -0.19 11.89
C ALA A 146 0.43 -0.71 11.85
N LEU A 147 0.19 -1.74 11.05
CA LEU A 147 -1.19 -2.17 10.82
C LEU A 147 -1.73 -2.96 12.02
N ARG A 148 -0.86 -3.61 12.75
CA ARG A 148 -1.29 -4.35 13.97
C ARG A 148 -1.91 -3.34 14.90
N PHE A 149 -1.27 -2.18 15.03
CA PHE A 149 -1.80 -1.13 15.87
C PHE A 149 -3.19 -0.68 15.40
N LEU A 150 -3.38 -0.48 14.11
CA LEU A 150 -4.68 -0.04 13.62
C LEU A 150 -5.71 -1.15 13.88
N HIS A 151 -5.32 -2.37 13.61
CA HIS A 151 -6.20 -3.54 13.75
C HIS A 151 -6.66 -3.72 15.18
N GLU A 152 -5.78 -3.44 16.14
CA GLU A 152 -6.12 -3.58 17.56
CA GLU A 152 -6.07 -3.52 17.57
C GLU A 152 -7.01 -2.42 18.04
N ASN A 153 -7.16 -1.39 17.22
CA ASN A 153 -8.01 -0.26 17.48
C ASN A 153 -9.22 -0.22 16.54
N GLN A 154 -9.64 -1.41 16.08
CA GLN A 154 -10.88 -1.62 15.37
C GLN A 154 -10.92 -0.94 14.01
N LEU A 155 -9.76 -0.75 13.43
CA LEU A 155 -9.64 -0.08 12.14
C LEU A 155 -9.05 -1.02 11.11
N THR A 156 -9.54 -0.92 9.88
CA THR A 156 -8.98 -1.62 8.72
C THR A 156 -8.63 -0.55 7.64
N HIS A 157 -7.45 -0.62 7.03
CA HIS A 157 -7.01 0.39 6.03
C HIS A 157 -7.78 0.25 4.73
N THR A 158 -7.85 -0.98 4.23
CA THR A 158 -8.62 -1.42 3.05
C THR A 158 -7.96 -1.09 1.70
N ASP A 159 -6.95 -0.22 1.68
CA ASP A 159 -6.31 0.18 0.40
C ASP A 159 -4.79 0.25 0.47
N LEU A 160 -4.20 -0.72 1.12
CA LEU A 160 -2.74 -0.81 1.20
C LEU A 160 -2.17 -1.20 -0.15
N LYS A 161 -1.14 -0.48 -0.54
CA LYS A 161 -0.40 -0.79 -1.79
C LYS A 161 0.93 -0.02 -1.73
N PRO A 162 1.88 -0.38 -2.58
CA PRO A 162 3.20 0.25 -2.50
C PRO A 162 3.17 1.74 -2.57
N GLU A 163 2.27 2.34 -3.36
CA GLU A 163 2.24 3.81 -3.50
C GLU A 163 1.81 4.56 -2.25
N ASN A 164 1.14 3.90 -1.30
CA ASN A 164 0.66 4.44 -0.03
CA ASN A 164 0.81 4.64 -0.07
C ASN A 164 1.65 4.20 1.13
N ILE A 165 2.80 3.59 0.84
CA ILE A 165 3.86 3.34 1.83
CA ILE A 165 3.87 3.32 1.82
C ILE A 165 5.06 4.17 1.39
N LEU A 166 5.56 5.04 2.25
CA LEU A 166 6.60 6.02 1.89
C LEU A 166 7.88 5.89 2.73
N PHE A 167 9.03 5.97 2.06
CA PHE A 167 10.28 6.08 2.82
C PHE A 167 10.33 7.42 3.57
N VAL A 168 10.80 7.41 4.83
CA VAL A 168 11.09 8.65 5.56
C VAL A 168 12.11 9.50 4.81
N ASN A 169 13.14 8.84 4.29
CA ASN A 169 14.17 9.46 3.44
C ASN A 169 14.61 8.43 2.39
N SER A 170 14.42 8.77 1.12
CA SER A 170 14.69 7.84 0.02
C SER A 170 16.06 8.08 -0.66
N GLU A 171 16.96 8.86 -0.03
CA GLU A 171 18.35 8.94 -0.54
C GLU A 171 18.91 7.53 -0.72
N PHE A 172 19.73 7.36 -1.74
CA PHE A 172 20.21 6.02 -2.13
C PHE A 172 21.66 6.01 -2.58
N GLU A 173 22.26 4.84 -2.49
CA GLU A 173 23.59 4.55 -3.05
C GLU A 173 23.41 3.90 -4.41
N THR A 174 24.30 4.20 -5.36
CA THR A 174 24.30 3.54 -6.67
C THR A 174 25.42 2.51 -6.68
N LEU A 175 25.01 1.27 -6.91
CA LEU A 175 25.91 0.12 -6.85
C LEU A 175 25.89 -0.55 -8.21
N TYR A 176 26.96 -1.25 -8.56
CA TYR A 176 26.96 -2.06 -9.76
C TYR A 176 26.39 -3.39 -9.37
N ASN A 177 25.36 -3.84 -10.09
CA ASN A 177 24.74 -5.11 -9.89
C ASN A 177 25.74 -6.20 -10.17
N GLU A 178 25.99 -6.99 -9.15
CA GLU A 178 26.92 -8.13 -9.17
C GLU A 178 26.71 -9.07 -10.39
N HIS A 179 25.50 -9.39 -10.65
CA HIS A 179 25.17 -10.49 -11.50
C HIS A 179 24.47 -10.02 -12.76
N LYS A 180 24.24 -8.72 -12.92
CA LYS A 180 23.66 -8.19 -14.18
C LYS A 180 24.51 -7.08 -14.72
N SER A 181 24.34 -6.73 -15.98
CA SER A 181 25.24 -5.77 -16.60
C SER A 181 24.70 -4.35 -16.38
N CYS A 182 24.38 -3.99 -15.14
CA CYS A 182 23.72 -2.67 -14.90
C CYS A 182 23.82 -2.14 -13.47
N GLU A 183 23.47 -0.86 -13.31
CA GLU A 183 23.48 -0.19 -12.03
CA GLU A 183 23.48 -0.19 -12.03
C GLU A 183 22.20 -0.49 -11.23
N GLU A 184 22.28 -0.34 -9.91
CA GLU A 184 21.20 -0.59 -9.01
C GLU A 184 21.17 0.51 -7.93
N LYS A 185 19.98 0.96 -7.53
CA LYS A 185 19.84 1.97 -6.48
C LYS A 185 19.42 1.28 -5.19
N SER A 186 20.14 1.54 -4.11
CA SER A 186 19.88 0.85 -2.86
C SER A 186 19.57 1.91 -1.81
N VAL A 187 18.39 1.86 -1.20
CA VAL A 187 17.98 2.92 -0.25
C VAL A 187 18.91 2.89 0.99
N LYS A 188 19.30 4.05 1.47
CA LYS A 188 20.26 4.15 2.58
C LYS A 188 19.60 3.84 3.92
N ASN A 189 18.34 4.18 4.03
CA ASN A 189 17.58 3.93 5.23
C ASN A 189 16.21 3.41 4.87
N THR A 190 15.86 2.22 5.35
CA THR A 190 14.62 1.58 4.98
C THR A 190 13.41 1.89 5.90
N SER A 191 13.50 2.95 6.71
CA SER A 191 12.39 3.40 7.56
C SER A 191 11.27 3.85 6.66
N ILE A 192 10.05 3.36 6.92
CA ILE A 192 8.87 3.68 6.12
C ILE A 192 7.70 4.14 7.02
N ARG A 193 6.70 4.74 6.40
CA ARG A 193 5.47 5.17 7.05
C ARG A 193 4.29 4.87 6.14
N VAL A 194 3.15 4.57 6.76
CA VAL A 194 1.96 4.19 6.06
C VAL A 194 1.05 5.42 5.93
N ALA A 195 0.58 5.65 4.71
CA ALA A 195 -0.33 6.81 4.48
C ALA A 195 -1.62 6.39 3.83
N ASP A 196 -2.46 7.42 3.65
CA ASP A 196 -3.70 7.42 2.87
C ASP A 196 -4.86 6.62 3.45
N PHE A 197 -5.46 7.21 4.49
CA PHE A 197 -6.42 6.58 5.37
C PHE A 197 -7.87 6.89 4.99
N GLY A 198 -8.04 7.48 3.81
CA GLY A 198 -9.38 7.96 3.38
C GLY A 198 -10.44 6.88 3.27
N SER A 199 -10.02 5.67 2.98
CA SER A 199 -10.96 4.53 2.88
C SER A 199 -10.94 3.70 4.17
N ALA A 200 -10.15 4.09 5.13
CA ALA A 200 -10.00 3.27 6.35
C ALA A 200 -11.33 3.23 7.09
N THR A 201 -11.74 2.04 7.57
CA THR A 201 -13.09 1.84 8.06
C THR A 201 -13.05 1.20 9.46
N PHE A 202 -13.77 1.77 10.41
CA PHE A 202 -13.85 1.17 11.75
C PHE A 202 -14.83 0.01 11.76
N ASP A 203 -14.62 -0.92 12.69
CA ASP A 203 -15.54 -2.06 12.81
C ASP A 203 -17.04 -1.69 12.80
N HIS A 204 -17.44 -0.65 13.52
CA HIS A 204 -18.85 -0.28 13.63
C HIS A 204 -19.42 0.44 12.45
N GLU A 205 -18.60 0.79 11.49
CA GLU A 205 -19.03 1.62 10.36
C GLU A 205 -19.45 0.74 9.19
N HIS A 206 -20.18 1.36 8.26
CA HIS A 206 -20.62 0.68 7.02
C HIS A 206 -19.48 0.15 6.21
N HIS A 207 -19.57 -1.13 5.82
CA HIS A 207 -18.56 -1.78 4.96
C HIS A 207 -19.16 -1.96 3.57
N THR A 208 -18.55 -1.30 2.60
CA THR A 208 -18.97 -1.42 1.20
C THR A 208 -18.67 -2.82 0.71
N THR A 209 -19.37 -3.27 -0.32
CA THR A 209 -19.19 -4.61 -0.83
C THR A 209 -17.73 -4.79 -1.34
N ILE A 210 -17.28 -3.82 -2.14
CA ILE A 210 -15.95 -3.88 -2.76
C ILE A 210 -14.99 -2.84 -2.15
N VAL A 211 -13.81 -3.27 -1.73
CA VAL A 211 -12.75 -2.41 -1.23
C VAL A 211 -11.44 -2.87 -1.88
N ALA A 212 -10.38 -2.09 -1.68
CA ALA A 212 -8.99 -2.34 -2.12
C ALA A 212 -8.80 -2.06 -3.60
N THR A 213 -7.59 -1.70 -3.97
CA THR A 213 -7.19 -1.62 -5.38
C THR A 213 -7.08 -3.05 -5.91
N ARG A 214 -7.50 -3.29 -7.14
CA ARG A 214 -7.75 -4.64 -7.61
C ARG A 214 -6.55 -5.59 -7.35
N HIS A 215 -5.36 -5.18 -7.73
CA HIS A 215 -4.19 -6.10 -7.60
C HIS A 215 -3.90 -6.57 -6.16
N TYR A 216 -4.37 -5.82 -5.15
CA TYR A 216 -4.20 -6.09 -3.71
C TYR A 216 -5.49 -6.57 -2.99
N ARG A 217 -6.49 -6.86 -3.78
CA ARG A 217 -7.87 -7.19 -3.28
C ARG A 217 -7.95 -8.67 -2.97
N PRO A 218 -8.49 -9.03 -1.81
CA PRO A 218 -8.55 -10.43 -1.42
C PRO A 218 -9.78 -11.21 -1.94
N PRO A 219 -9.72 -12.54 -1.89
CA PRO A 219 -10.77 -13.38 -2.45
C PRO A 219 -12.12 -13.22 -1.78
N GLU A 220 -12.15 -12.96 -0.47
CA GLU A 220 -13.43 -12.73 0.20
C GLU A 220 -14.18 -11.51 -0.29
N VAL A 221 -13.44 -10.51 -0.79
CA VAL A 221 -14.07 -9.34 -1.33
C VAL A 221 -14.63 -9.66 -2.72
N ILE A 222 -13.80 -10.30 -3.56
CA ILE A 222 -14.27 -10.74 -4.91
C ILE A 222 -15.53 -11.58 -4.83
N LEU A 223 -15.56 -12.52 -3.88
CA LEU A 223 -16.69 -13.38 -3.69
C LEU A 223 -17.79 -12.78 -2.80
N GLU A 224 -17.62 -11.56 -2.37
CA GLU A 224 -18.67 -10.77 -1.68
C GLU A 224 -19.11 -11.49 -0.41
N LEU A 225 -18.11 -12.02 0.28
CA LEU A 225 -18.34 -12.73 1.55
C LEU A 225 -18.23 -11.83 2.82
N GLY A 226 -17.99 -10.56 2.60
CA GLY A 226 -17.73 -9.62 3.70
C GLY A 226 -16.25 -9.58 3.98
N TRP A 227 -15.80 -8.55 4.69
CA TRP A 227 -14.37 -8.38 4.97
C TRP A 227 -14.16 -7.67 6.27
N ALA A 228 -12.93 -7.76 6.79
CA ALA A 228 -12.51 -7.08 7.99
C ALA A 228 -10.99 -6.94 7.91
N GLN A 229 -10.35 -6.89 9.06
CA GLN A 229 -8.90 -6.68 9.12
C GLN A 229 -8.09 -7.65 8.25
N PRO A 230 -8.53 -8.91 8.08
CA PRO A 230 -7.69 -9.81 7.26
C PRO A 230 -7.46 -9.32 5.82
N CYS A 231 -8.38 -8.48 5.32
CA CYS A 231 -8.21 -7.80 4.01
C CYS A 231 -6.81 -7.19 3.93
N ASP A 232 -6.42 -6.45 4.96
CA ASP A 232 -5.12 -5.77 4.95
C ASP A 232 -3.95 -6.76 4.91
N VAL A 233 -4.12 -7.93 5.54
CA VAL A 233 -3.00 -8.90 5.62
C VAL A 233 -2.74 -9.44 4.23
N TRP A 234 -3.81 -9.75 3.48
CA TRP A 234 -3.72 -10.20 2.08
C TRP A 234 -2.99 -9.15 1.27
N SER A 235 -3.40 -7.89 1.42
CA SER A 235 -2.69 -6.81 0.72
C SER A 235 -1.20 -6.77 1.03
N ILE A 236 -0.86 -6.89 2.28
CA ILE A 236 0.54 -6.95 2.72
C ILE A 236 1.30 -8.09 2.06
N GLY A 237 0.73 -9.29 1.95
CA GLY A 237 1.33 -10.41 1.24
C GLY A 237 1.66 -10.06 -0.20
N CYS A 238 0.71 -9.43 -0.89
CA CYS A 238 0.92 -8.97 -2.24
C CYS A 238 2.03 -7.95 -2.33
N ILE A 239 2.05 -7.03 -1.37
CA ILE A 239 3.06 -5.96 -1.36
C ILE A 239 4.45 -6.56 -1.22
N LEU A 240 4.61 -7.48 -0.29
CA LEU A 240 5.90 -8.05 -0.02
C LEU A 240 6.43 -8.85 -1.23
N PHE A 241 5.56 -9.58 -1.91
CA PHE A 241 5.93 -10.22 -3.15
C PHE A 241 6.47 -9.19 -4.15
N GLU A 242 5.74 -8.11 -4.30
CA GLU A 242 6.13 -7.05 -5.23
C GLU A 242 7.48 -6.41 -4.89
N TYR A 243 7.71 -6.15 -3.60
CA TYR A 243 9.01 -5.65 -3.17
C TYR A 243 10.18 -6.61 -3.51
N TYR A 244 9.91 -7.90 -3.38
CA TYR A 244 10.89 -8.97 -3.50
C TYR A 244 11.19 -9.33 -4.94
N ARG A 245 10.22 -9.17 -5.83
CA ARG A 245 10.41 -9.50 -7.25
C ARG A 245 10.42 -8.28 -8.15
N GLY A 246 9.73 -7.23 -7.74
CA GLY A 246 9.69 -5.99 -8.51
C GLY A 246 8.58 -6.01 -9.52
N PHE A 247 7.82 -7.10 -9.54
CA PHE A 247 6.61 -7.16 -10.35
C PHE A 247 5.39 -7.57 -9.51
N THR A 248 4.22 -7.14 -9.95
CA THR A 248 2.95 -7.42 -9.32
CA THR A 248 2.98 -7.45 -9.24
C THR A 248 2.65 -8.94 -9.25
N LEU A 249 2.17 -9.40 -8.10
CA LEU A 249 1.74 -10.76 -7.95
C LEU A 249 0.53 -11.08 -8.85
N PHE A 250 -0.47 -10.21 -8.86
CA PHE A 250 -1.69 -10.40 -9.63
C PHE A 250 -1.89 -9.26 -10.61
N GLN A 251 -1.31 -9.42 -11.79
CA GLN A 251 -1.36 -8.39 -12.80
C GLN A 251 -2.65 -8.58 -13.60
N THR A 252 -3.75 -8.16 -13.02
CA THR A 252 -5.12 -8.56 -13.44
C THR A 252 -6.03 -7.38 -13.58
N HIS A 253 -7.04 -7.51 -14.43
CA HIS A 253 -8.00 -6.47 -14.69
C HIS A 253 -9.46 -6.93 -14.45
N GLU A 254 -9.67 -8.18 -14.04
CA GLU A 254 -11.03 -8.72 -14.07
C GLU A 254 -11.13 -9.84 -13.05
N ASN A 255 -12.30 -9.98 -12.41
CA ASN A 255 -12.47 -10.96 -11.32
C ASN A 255 -12.25 -12.40 -11.67
N ARG A 256 -12.78 -12.87 -12.78
CA ARG A 256 -12.68 -14.27 -13.10
C ARG A 256 -11.20 -14.61 -13.31
N GLU A 257 -10.52 -13.76 -14.07
CA GLU A 257 -9.10 -13.89 -14.26
C GLU A 257 -8.30 -13.93 -12.96
N HIS A 258 -8.66 -13.02 -12.07
CA HIS A 258 -7.98 -12.86 -10.79
C HIS A 258 -8.10 -14.13 -9.97
N LEU A 259 -9.30 -14.68 -9.91
CA LEU A 259 -9.51 -15.97 -9.21
C LEU A 259 -8.68 -17.09 -9.82
N VAL A 260 -8.62 -17.17 -11.16
CA VAL A 260 -7.87 -18.18 -11.78
C VAL A 260 -6.38 -18.04 -11.41
N MET A 261 -5.87 -16.81 -11.40
CA MET A 261 -4.52 -16.54 -11.02
C MET A 261 -4.30 -16.99 -9.58
N MET A 262 -5.23 -16.66 -8.68
CA MET A 262 -5.13 -17.13 -7.29
C MET A 262 -4.99 -18.67 -7.22
N GLU A 263 -5.79 -19.41 -8.00
CA GLU A 263 -5.73 -20.86 -8.01
C GLU A 263 -4.41 -21.39 -8.53
N LYS A 264 -3.89 -20.77 -9.61
CA LYS A 264 -2.61 -21.20 -10.17
C LYS A 264 -1.44 -20.96 -9.22
N ILE A 265 -1.50 -19.89 -8.45
CA ILE A 265 -0.37 -19.47 -7.62
C ILE A 265 -0.41 -20.07 -6.23
N LEU A 266 -1.63 -20.25 -5.71
CA LEU A 266 -1.84 -20.54 -4.29
C LEU A 266 -2.57 -21.87 -4.07
N GLY A 267 -3.20 -22.39 -5.10
CA GLY A 267 -3.85 -23.70 -4.99
C GLY A 267 -5.36 -23.49 -4.98
N PRO A 268 -6.11 -24.58 -4.80
CA PRO A 268 -7.57 -24.44 -4.96
C PRO A 268 -8.27 -23.57 -3.92
N ILE A 269 -9.30 -22.87 -4.35
CA ILE A 269 -10.16 -22.08 -3.48
C ILE A 269 -10.95 -23.07 -2.60
N PRO A 270 -10.98 -22.86 -1.28
CA PRO A 270 -11.63 -23.84 -0.40
C PRO A 270 -13.13 -23.99 -0.71
N SER A 271 -13.61 -25.22 -0.66
CA SER A 271 -14.95 -25.48 -1.15
C SER A 271 -15.99 -24.80 -0.28
N HIS A 272 -15.68 -24.60 0.98
CA HIS A 272 -16.61 -23.91 1.87
C HIS A 272 -16.88 -22.46 1.46
N MET A 273 -15.87 -21.78 0.91
CA MET A 273 -16.04 -20.44 0.36
C MET A 273 -16.88 -20.43 -0.93
N ILE A 274 -16.61 -21.40 -1.80
CA ILE A 274 -17.43 -21.59 -3.00
C ILE A 274 -18.88 -21.84 -2.68
N HIS A 275 -19.15 -22.66 -1.65
CA HIS A 275 -20.53 -22.92 -1.29
C HIS A 275 -21.30 -21.74 -0.74
N ARG A 276 -20.61 -20.82 -0.09
CA ARG A 276 -21.21 -19.63 0.54
C ARG A 276 -21.43 -18.46 -0.41
N THR A 277 -20.59 -18.34 -1.44
CA THR A 277 -20.61 -17.12 -2.27
C THR A 277 -21.89 -17.09 -3.07
N ARG A 278 -22.45 -15.89 -3.20
CA ARG A 278 -23.53 -15.66 -4.17
C ARG A 278 -23.01 -15.43 -5.59
N LYS A 279 -21.68 -15.34 -5.76
CA LYS A 279 -21.08 -15.11 -7.07
C LYS A 279 -20.84 -16.44 -7.79
N GLN A 280 -21.92 -17.19 -7.96
CA GLN A 280 -21.83 -18.51 -8.56
C GLN A 280 -21.47 -18.44 -10.05
N LYS A 281 -21.54 -17.26 -10.67
CA LYS A 281 -21.13 -17.11 -12.09
C LYS A 281 -19.66 -17.52 -12.36
N TYR A 282 -18.85 -17.54 -11.34
CA TYR A 282 -17.46 -17.91 -11.48
C TYR A 282 -17.23 -19.41 -11.43
N PHE A 283 -18.25 -20.20 -11.07
CA PHE A 283 -18.06 -21.62 -10.87
C PHE A 283 -19.00 -22.48 -11.73
N TYR A 284 -18.56 -23.71 -11.96
CA TYR A 284 -19.34 -24.71 -12.65
C TYR A 284 -18.90 -26.06 -12.07
N LYS A 285 -19.86 -26.87 -11.64
CA LYS A 285 -19.58 -28.18 -11.02
C LYS A 285 -18.53 -28.04 -9.90
N GLY A 286 -18.62 -26.95 -9.14
CA GLY A 286 -17.85 -26.78 -7.91
C GLY A 286 -16.41 -26.35 -8.14
N GLY A 287 -16.07 -26.05 -9.40
CA GLY A 287 -14.73 -25.54 -9.77
C GLY A 287 -14.83 -24.22 -10.52
N LEU A 288 -13.74 -23.45 -10.54
CA LEU A 288 -13.74 -22.23 -11.37
C LEU A 288 -14.00 -22.59 -12.80
N VAL A 289 -14.78 -21.75 -13.48
CA VAL A 289 -15.06 -21.98 -14.87
C VAL A 289 -14.48 -20.79 -15.64
N TRP A 290 -13.75 -21.09 -16.69
CA TRP A 290 -13.07 -20.02 -17.45
C TRP A 290 -12.62 -20.56 -18.78
N ASP A 291 -12.33 -19.64 -19.69
CA ASP A 291 -12.01 -20.00 -21.08
C ASP A 291 -10.50 -20.03 -21.24
N GLU A 292 -9.97 -21.25 -21.34
CA GLU A 292 -8.53 -21.43 -21.43
C GLU A 292 -7.93 -20.89 -22.72
N ASN A 293 -8.77 -20.69 -23.73
CA ASN A 293 -8.31 -20.26 -25.06
C ASN A 293 -8.41 -18.76 -25.32
N SER A 294 -9.00 -18.03 -24.39
CA SER A 294 -9.10 -16.57 -24.48
C SER A 294 -7.75 -15.91 -24.26
N SER A 295 -7.68 -14.60 -24.56
CA SER A 295 -6.46 -13.82 -24.29
CA SER A 295 -6.45 -13.85 -24.32
C SER A 295 -6.10 -13.90 -22.81
N ASP A 296 -7.08 -13.73 -21.94
CA ASP A 296 -6.80 -13.80 -20.50
C ASP A 296 -6.42 -15.20 -20.06
N GLY A 297 -7.09 -16.20 -20.60
CA GLY A 297 -6.80 -17.58 -20.25
C GLY A 297 -5.39 -18.01 -20.63
N ARG A 298 -4.98 -17.66 -21.85
CA ARG A 298 -3.65 -18.03 -22.30
C ARG A 298 -2.59 -17.26 -21.51
N TYR A 299 -2.91 -16.03 -21.11
CA TYR A 299 -1.95 -15.19 -20.37
C TYR A 299 -1.66 -15.83 -19.00
N VAL A 300 -2.73 -16.25 -18.33
CA VAL A 300 -2.59 -16.83 -17.00
CA VAL A 300 -2.60 -16.83 -17.00
C VAL A 300 -1.91 -18.20 -17.08
N LYS A 301 -2.22 -18.99 -18.09
CA LYS A 301 -1.63 -20.29 -18.22
C LYS A 301 -0.12 -20.17 -18.48
N GLU A 302 0.27 -19.16 -19.26
CA GLU A 302 1.68 -18.91 -19.51
C GLU A 302 2.45 -18.35 -18.34
N ASN A 303 1.83 -17.46 -17.61
CA ASN A 303 2.54 -16.55 -16.69
C ASN A 303 2.39 -16.81 -15.20
N CYS A 304 1.36 -17.53 -14.80
CA CYS A 304 1.07 -17.71 -13.36
C CYS A 304 1.48 -19.10 -12.89
N LYS A 305 2.49 -19.15 -12.02
CA LYS A 305 3.08 -20.41 -11.54
C LYS A 305 2.88 -20.50 -10.01
N PRO A 306 3.15 -21.66 -9.44
CA PRO A 306 3.05 -21.80 -7.95
C PRO A 306 3.94 -20.80 -7.23
N LEU A 307 3.42 -20.26 -6.12
CA LEU A 307 4.12 -19.23 -5.37
C LEU A 307 5.64 -19.56 -5.13
N LYS A 308 5.95 -20.80 -4.77
CA LYS A 308 7.33 -21.17 -4.36
C LYS A 308 8.32 -21.05 -5.53
N SER A 309 7.80 -21.16 -6.75
CA SER A 309 8.61 -21.07 -7.96
C SER A 309 9.19 -19.65 -8.11
N TYR A 310 8.66 -18.67 -7.38
CA TYR A 310 9.20 -17.28 -7.47
C TYR A 310 10.35 -16.94 -6.52
N MET A 311 10.74 -17.88 -5.65
CA MET A 311 11.89 -17.70 -4.76
CA MET A 311 11.87 -17.69 -4.75
C MET A 311 13.16 -17.51 -5.57
N LEU A 312 13.97 -16.52 -5.22
CA LEU A 312 15.20 -16.23 -5.96
C LEU A 312 16.40 -17.05 -5.47
N GLN A 313 16.33 -17.47 -4.20
CA GLN A 313 17.35 -18.28 -3.58
CA GLN A 313 17.37 -18.25 -3.54
C GLN A 313 16.72 -19.33 -2.66
N ASP A 314 17.52 -20.34 -2.28
CA ASP A 314 17.13 -21.50 -1.46
C ASP A 314 17.34 -21.32 0.03
N SER A 315 18.05 -20.28 0.43
CA SER A 315 18.54 -20.21 1.81
C SER A 315 17.40 -19.97 2.79
N LEU A 316 17.71 -20.16 4.06
CA LEU A 316 16.71 -20.18 5.11
C LEU A 316 15.86 -18.91 5.09
N GLU A 317 16.48 -17.73 5.04
CA GLU A 317 15.72 -16.47 5.06
C GLU A 317 14.72 -16.32 3.90
N HIS A 318 15.03 -16.89 2.73
CA HIS A 318 14.09 -16.88 1.61
C HIS A 318 12.94 -17.85 1.83
N VAL A 319 13.28 -19.05 2.25
CA VAL A 319 12.27 -20.02 2.62
C VAL A 319 11.31 -19.41 3.67
N GLN A 320 11.83 -18.67 4.66
CA GLN A 320 10.98 -18.13 5.72
C GLN A 320 10.08 -17.02 5.18
N LEU A 321 10.62 -16.15 4.33
CA LEU A 321 9.80 -15.12 3.69
C LEU A 321 8.63 -15.77 2.97
N PHE A 322 8.89 -16.82 2.23
CA PHE A 322 7.83 -17.46 1.49
C PHE A 322 6.78 -18.18 2.36
N ASP A 323 7.23 -18.72 3.48
CA ASP A 323 6.30 -19.30 4.43
C ASP A 323 5.39 -18.25 4.99
N LEU A 324 5.95 -17.09 5.37
CA LEU A 324 5.16 -15.99 5.87
C LEU A 324 4.21 -15.45 4.81
N MET A 325 4.71 -15.26 3.58
CA MET A 325 3.86 -14.75 2.50
CA MET A 325 3.87 -14.79 2.49
C MET A 325 2.69 -15.73 2.25
N ARG A 326 2.97 -17.03 2.21
CA ARG A 326 1.92 -18.05 1.99
C ARG A 326 0.79 -17.93 3.05
N ARG A 327 1.19 -17.68 4.29
CA ARG A 327 0.26 -17.51 5.38
CA ARG A 327 0.26 -17.51 5.38
C ARG A 327 -0.56 -16.23 5.32
N MET A 328 0.03 -15.18 4.79
CA MET A 328 -0.68 -13.94 4.51
C MET A 328 -1.67 -14.02 3.37
N LEU A 329 -1.42 -14.96 2.47
CA LEU A 329 -2.21 -15.17 1.26
C LEU A 329 -3.14 -16.41 1.38
N GLU A 330 -3.50 -16.76 2.61
CA GLU A 330 -4.46 -17.84 2.83
CA GLU A 330 -4.49 -17.82 2.85
C GLU A 330 -5.83 -17.40 2.31
N PHE A 331 -6.54 -18.30 1.61
CA PHE A 331 -7.84 -17.92 1.01
C PHE A 331 -8.86 -17.54 2.08
N ASP A 332 -8.92 -18.33 3.14
CA ASP A 332 -9.94 -18.17 4.16
C ASP A 332 -9.49 -17.08 5.11
N PRO A 333 -10.20 -15.95 5.13
CA PRO A 333 -9.70 -14.89 5.98
C PRO A 333 -9.68 -15.25 7.45
N ALA A 334 -10.47 -16.22 7.89
CA ALA A 334 -10.43 -16.61 9.28
C ALA A 334 -9.16 -17.41 9.60
N GLN A 335 -8.62 -18.12 8.61
CA GLN A 335 -7.43 -18.92 8.76
C GLN A 335 -6.17 -18.12 8.51
N ARG A 336 -6.33 -17.00 7.83
CA ARG A 336 -5.20 -16.16 7.45
C ARG A 336 -4.46 -15.71 8.70
N ILE A 337 -3.13 -15.62 8.58
CA ILE A 337 -2.28 -15.17 9.72
C ILE A 337 -2.67 -13.74 10.11
N THR A 338 -2.71 -13.47 11.42
CA THR A 338 -2.91 -12.09 11.89
C THR A 338 -1.56 -11.41 11.97
N LEU A 339 -1.57 -10.10 12.02
CA LEU A 339 -0.33 -9.35 12.14
C LEU A 339 0.35 -9.55 13.47
N ALA A 340 -0.42 -9.74 14.54
CA ALA A 340 0.18 -10.07 15.81
C ALA A 340 0.99 -11.38 15.69
N GLU A 341 0.43 -12.40 15.03
CA GLU A 341 1.16 -13.67 14.84
C GLU A 341 2.34 -13.47 13.90
N ALA A 342 2.14 -12.71 12.82
CA ALA A 342 3.17 -12.47 11.82
C ALA A 342 4.41 -11.89 12.50
N LEU A 343 4.22 -10.98 13.45
CA LEU A 343 5.37 -10.40 14.16
C LEU A 343 6.18 -11.39 14.98
N LEU A 344 5.60 -12.57 15.24
CA LEU A 344 6.30 -13.68 15.92
C LEU A 344 6.97 -14.68 14.97
N HIS A 345 6.82 -14.47 13.66
CA HIS A 345 7.37 -15.35 12.66
C HIS A 345 8.88 -15.36 12.65
N PRO A 346 9.50 -16.54 12.50
CA PRO A 346 10.96 -16.60 12.46
C PRO A 346 11.67 -15.84 11.32
N PHE A 347 10.95 -15.44 10.28
CA PHE A 347 11.48 -14.52 9.28
C PHE A 347 12.14 -13.32 9.94
N PHE A 348 11.56 -12.86 11.05
CA PHE A 348 12.00 -11.60 11.66
C PHE A 348 13.17 -11.72 12.61
N ALA A 349 13.67 -12.96 12.76
CA ALA A 349 14.90 -13.24 13.49
C ALA A 349 16.12 -12.56 12.83
N GLY A 350 16.05 -12.40 11.51
CA GLY A 350 17.08 -11.73 10.73
C GLY A 350 17.26 -10.22 10.92
N LEU A 351 16.28 -9.55 11.55
CA LEU A 351 16.41 -8.11 11.76
C LEU A 351 17.62 -7.76 12.61
N THR A 352 18.30 -6.68 12.26
CA THR A 352 19.31 -6.13 13.18
C THR A 352 18.60 -5.65 14.45
N PRO A 353 19.35 -5.49 15.53
CA PRO A 353 18.77 -4.91 16.74
C PRO A 353 18.21 -3.50 16.50
N GLU A 354 18.88 -2.72 15.62
CA GLU A 354 18.47 -1.36 15.33
C GLU A 354 17.13 -1.37 14.58
N GLU A 355 16.98 -2.31 13.63
CA GLU A 355 15.72 -2.50 12.95
C GLU A 355 14.59 -2.95 13.91
N ARG A 356 14.89 -3.88 14.81
CA ARG A 356 13.86 -4.47 15.65
C ARG A 356 13.36 -3.48 16.68
N SER A 357 14.25 -2.63 17.19
CA SER A 357 13.91 -1.69 18.26
C SER A 357 13.41 -0.33 17.75
N PHE A 358 13.26 -0.22 16.42
CA PHE A 358 12.85 1.04 15.80
C PHE A 358 13.78 2.21 16.12
N HIS A 359 15.08 1.98 15.99
CA HIS A 359 16.08 3.04 16.08
C HIS A 359 16.76 3.25 14.75
N THR A 360 16.00 3.13 13.67
CA THR A 360 16.44 3.56 12.33
C THR A 360 15.88 4.96 12.09
C1 EDO B . 4.13 -7.51 -15.05
O1 EDO B . 3.49 -7.35 -13.78
C2 EDO B . 5.57 -6.98 -15.06
O2 EDO B . 5.74 -5.65 -14.47
C1 EDO C . -19.55 -7.06 5.48
O1 EDO C . -18.16 -6.58 5.07
C2 EDO C . -20.59 -5.98 5.66
O2 EDO C . -20.47 -5.26 6.94
C1 EDO D . -13.14 -11.71 9.03
O1 EDO D . -12.77 -13.10 8.98
C2 EDO D . -13.86 -11.28 7.76
O2 EDO D . -13.13 -11.62 6.60
C1 EDO E . -12.43 -24.62 -16.41
O1 EDO E . -13.54 -24.10 -17.14
C2 EDO E . -11.12 -24.47 -17.16
O2 EDO E . -11.22 -25.18 -18.41
C1 EDO F . -10.05 -16.10 -17.72
O1 EDO F . -10.93 -15.20 -17.07
C2 EDO F . -10.64 -16.50 -19.08
O2 EDO F . -12.00 -17.00 -18.98
C1 EDO G . 0.68 -22.93 4.52
O1 EDO G . -0.39 -21.97 4.42
C2 EDO G . 1.77 -22.42 5.46
O2 EDO G . 2.82 -21.70 4.78
C1 EDO H . -2.10 28.76 -5.24
O1 EDO H . -0.97 29.37 -5.89
C2 EDO H . -3.04 29.81 -4.70
O2 EDO H . -4.20 30.02 -5.54
C1 EDO I . -13.73 11.58 -12.24
O1 EDO I . -14.37 12.70 -11.63
C2 EDO I . -12.35 11.44 -11.61
O2 EDO I . -11.28 11.71 -12.53
C1 EDO J . 2.44 -14.31 -10.95
O1 EDO J . 1.22 -13.84 -11.56
C2 EDO J . 3.39 -13.13 -10.66
O2 EDO J . 3.12 -12.05 -11.57
C1 EDO K . -11.25 -27.02 1.62
O1 EDO K . -11.82 -27.24 0.31
C2 EDO K . -12.31 -27.21 2.68
O2 EDO K . -13.49 -26.38 2.39
C1 EDO L . 3.21 -22.01 -0.87
O1 EDO L . 4.41 -22.32 -1.60
C2 EDO L . 2.08 -22.18 -1.86
O2 EDO L . 0.85 -22.68 -1.33
C1 EDO M . -0.48 -24.15 -7.24
O1 EDO M . -1.51 -24.57 -8.13
C2 EDO M . -0.52 -25.08 -6.04
O2 EDO M . 0.69 -24.88 -5.34
C1 EDO N . -22.78 -3.03 7.14
C1 EDO N . -22.77 -2.68 7.01
O1 EDO N . -21.40 -2.93 6.86
O1 EDO N . -21.37 -2.90 7.07
C2 EDO N . -23.21 -1.87 7.95
C2 EDO N . -23.30 -2.05 8.25
O2 EDO N . -23.80 -0.94 7.01
O2 EDO N . -22.60 -2.46 9.39
P PO4 O . -23.83 -10.14 -11.29
O1 PO4 O . -22.92 -8.93 -11.16
O2 PO4 O . -23.32 -11.40 -10.63
O3 PO4 O . -25.15 -9.73 -10.68
O4 PO4 O . -24.12 -10.51 -12.74
O3 Q7H P . 3.07 11.36 -6.61
C4 Q7H P . -1.68 10.00 -1.99
C5 Q7H P . -0.41 7.87 -1.95
O4 Q7H P . 5.24 10.66 -9.93
C6 Q7H P . -0.06 9.57 -3.73
N1 Q7H P . 0.76 11.83 0.36
C7 Q7H P . 1.06 8.71 -4.28
C8 Q7H P . 2.66 10.51 -4.45
N2 Q7H P . -0.69 9.14 -2.62
C9 Q7H P . 2.70 10.65 -3.07
C10 Q7H P . 3.36 11.74 -2.50
C11 Q7H P . 4.03 12.64 -3.32
C12 Q7H P . 4.03 12.47 -4.69
N3 Q7H P . 3.31 11.85 -1.11
C13 Q7H P . 3.31 11.44 -5.27
C14 Q7H P . 3.90 10.46 -7.37
C15 Q7H P . 5.28 11.08 -7.49
N4 Q7H P . 5.37 12.87 -0.65
C1 Q7H P . 0.12 13.10 0.62
C2 Q7H P . -0.14 10.77 -0.14
C3 Q7H P . -1.03 11.19 -1.28
O1 Q7H P . -0.34 10.64 -4.26
O2 Q7H P . 1.97 9.49 -5.08
C16 Q7H P . 6.02 11.01 -8.81
C17 Q7H P . 3.90 11.08 -9.73
C18 Q7H P . 3.28 10.16 -8.72
C19 Q7H P . 4.17 12.42 -0.21
C20 Q7H P . 6.13 13.44 0.30
N5 Q7H P . 5.84 13.65 1.58
C21 Q7H P . 4.64 13.21 1.97
N6 Q7H P . 4.10 13.25 3.21
C22 Q7H P . 2.88 12.61 3.19
C23 Q7H P . 2.62 12.14 1.94
C24 Q7H P . 1.42 11.34 1.57
C25 Q7H P . 3.72 12.53 1.14
#